data_3C5L
#
_entry.id   3C5L
#
_cell.length_a   35.442
_cell.length_b   66.495
_cell.length_c   105.817
_cell.angle_alpha   90.00
_cell.angle_beta   90.00
_cell.angle_gamma   90.00
#
_symmetry.space_group_name_H-M   'P 21 21 21'
#
loop_
_entity.id
_entity.type
_entity.pdbx_description
1 polymer 'Serine/threonine-protein kinase PLK1'
2 polymer Peptide
3 water water
#
loop_
_entity_poly.entity_id
_entity_poly.type
_entity_poly.pdbx_seq_one_letter_code
_entity_poly.pdbx_strand_id
1 'polypeptide(L)'
;HLSDMLQQLHSVNASKPSERGLVRQEEAEDPACIPIFWVSKWVDYSDKYGLGYQLCDNSVGVLFNDSTRLILYNDGDSLQ
YIERDGTESYLTVSSHPNSLMKKITLLKYFRNYMSEHLLKAGANITPREGDELARLPYLRTWFRTRSAIILHLSNGSVQI
NFFQDHTKLILCPLMAAVTYIDEKRDFRTYRLSLLEEYGCCKELASRLRYARTMVDKLLSS
;
A
2 'polypeptide(L)' PPHS(TPO) B
#
# COMPACT_ATOMS: atom_id res chain seq x y z
N HIS A 1 -2.36 6.33 12.77
CA HIS A 1 -3.42 7.08 12.03
C HIS A 1 -4.50 6.10 11.58
N LEU A 2 -4.39 4.86 12.03
CA LEU A 2 -5.34 3.84 11.68
C LEU A 2 -6.69 4.18 12.31
N SER A 3 -6.63 4.84 13.47
CA SER A 3 -7.83 5.23 14.17
C SER A 3 -8.51 6.38 13.41
N ASP A 4 -7.71 7.31 12.91
CA ASP A 4 -8.25 8.42 12.14
C ASP A 4 -8.90 7.95 10.86
N MET A 5 -8.35 6.88 10.29
CA MET A 5 -8.88 6.33 9.06
C MET A 5 -10.22 5.60 9.25
N LEU A 6 -10.45 5.03 10.42
CA LEU A 6 -11.72 4.35 10.68
C LEU A 6 -12.79 5.43 10.77
N GLN A 7 -12.39 6.63 11.22
CA GLN A 7 -13.32 7.75 11.33
C GLN A 7 -13.83 8.09 9.94
N GLN A 8 -12.93 8.63 9.12
CA GLN A 8 -13.21 9.05 7.76
C GLN A 8 -13.96 8.00 6.95
N LEU A 9 -13.49 6.76 6.99
CA LEU A 9 -14.17 5.69 6.25
C LEU A 9 -15.60 5.50 6.74
N HIS A 10 -15.83 5.61 8.04
CA HIS A 10 -17.18 5.46 8.51
C HIS A 10 -18.06 6.60 8.01
N SER A 11 -17.64 7.83 8.26
CA SER A 11 -18.41 8.99 7.82
C SER A 11 -18.93 8.85 6.40
N VAL A 12 -18.07 8.45 5.47
CA VAL A 12 -18.49 8.30 4.08
C VAL A 12 -19.40 7.09 3.90
N ASN A 13 -19.13 6.01 4.60
CA ASN A 13 -20.00 4.85 4.48
C ASN A 13 -21.34 5.17 5.16
N ALA A 14 -21.29 6.00 6.20
CA ALA A 14 -22.48 6.40 6.95
C ALA A 14 -23.38 7.38 6.21
N SER A 15 -22.86 7.99 5.14
CA SER A 15 -23.64 8.96 4.37
C SER A 15 -24.30 8.30 3.17
N LYS A 16 -24.16 6.99 3.06
CA LYS A 16 -24.76 6.26 1.95
C LYS A 16 -24.36 6.98 0.66
N PRO A 17 -23.06 7.01 0.36
CA PRO A 17 -22.50 7.67 -0.84
C PRO A 17 -23.23 7.40 -2.15
N SER A 18 -23.53 6.15 -2.44
CA SER A 18 -24.23 5.79 -3.68
C SER A 18 -25.76 5.74 -3.55
N GLU A 19 -26.28 5.90 -2.34
CA GLU A 19 -27.73 5.88 -2.18
C GLU A 19 -28.27 7.29 -2.35
N ARG A 20 -27.73 8.01 -3.34
CA ARG A 20 -28.13 9.38 -3.65
C ARG A 20 -28.95 9.53 -4.93
N GLY A 21 -29.75 10.59 -5.00
CA GLY A 21 -30.59 10.85 -6.16
C GLY A 21 -29.76 10.97 -7.43
N LEU A 22 -28.78 11.87 -7.41
CA LEU A 22 -27.85 12.10 -8.52
C LEU A 22 -26.40 12.04 -8.01
N VAL A 23 -25.64 11.05 -8.50
CA VAL A 23 -24.26 10.86 -8.08
C VAL A 23 -23.29 11.67 -8.95
N ARG A 24 -22.59 12.62 -8.32
CA ARG A 24 -21.62 13.47 -9.00
C ARG A 24 -20.23 13.08 -8.49
N GLN A 25 -19.81 11.85 -8.81
CA GLN A 25 -18.50 11.34 -8.38
C GLN A 25 -17.31 12.15 -8.86
N GLU A 26 -17.28 12.49 -10.15
CA GLU A 26 -16.16 13.25 -10.72
C GLU A 26 -15.91 14.56 -10.00
N GLU A 27 -16.94 15.09 -9.37
CA GLU A 27 -16.79 16.34 -8.64
C GLU A 27 -16.00 16.12 -7.36
N ALA A 28 -15.81 14.86 -6.95
CA ALA A 28 -15.06 14.58 -5.72
C ALA A 28 -13.56 14.39 -5.94
N GLU A 29 -13.10 14.51 -7.18
CA GLU A 29 -11.70 14.32 -7.48
C GLU A 29 -10.77 15.37 -6.90
N ASP A 30 -9.58 14.97 -6.49
CA ASP A 30 -8.62 15.92 -5.93
C ASP A 30 -7.18 15.59 -6.30
N PRO A 31 -6.81 15.83 -7.57
CA PRO A 31 -5.48 15.60 -8.17
C PRO A 31 -4.30 15.89 -7.27
N ALA A 32 -4.44 16.89 -6.41
CA ALA A 32 -3.34 17.23 -5.51
C ALA A 32 -3.08 16.10 -4.51
N CYS A 33 -4.13 15.40 -4.09
CA CYS A 33 -4.02 14.31 -3.11
C CYS A 33 -3.53 12.98 -3.66
N ILE A 34 -2.72 13.01 -4.72
CA ILE A 34 -2.22 11.75 -5.26
C ILE A 34 -1.17 11.23 -4.28
N PRO A 35 -1.15 9.91 -4.02
CA PRO A 35 -0.18 9.33 -3.09
C PRO A 35 1.27 9.51 -3.52
N ILE A 36 2.18 9.47 -2.54
CA ILE A 36 3.60 9.60 -2.80
C ILE A 36 4.16 8.18 -2.98
N PHE A 37 3.56 7.24 -2.25
CA PHE A 37 4.00 5.85 -2.30
C PHE A 37 2.87 4.83 -2.34
N TRP A 38 3.13 3.72 -3.01
CA TRP A 38 2.18 2.62 -3.07
C TRP A 38 2.92 1.40 -3.58
N VAL A 39 2.50 0.25 -3.10
CA VAL A 39 3.12 -1.02 -3.47
C VAL A 39 2.89 -1.37 -4.93
N SER A 40 3.99 -1.45 -5.68
CA SER A 40 3.97 -1.76 -7.11
C SER A 40 3.78 -3.25 -7.40
N LYS A 41 4.48 -4.08 -6.63
CA LYS A 41 4.40 -5.51 -6.79
C LYS A 41 4.89 -6.19 -5.50
N TRP A 42 4.60 -7.47 -5.35
CA TRP A 42 5.01 -8.19 -4.16
C TRP A 42 5.11 -9.71 -4.40
N VAL A 43 5.89 -10.38 -3.54
CA VAL A 43 6.08 -11.82 -3.60
C VAL A 43 5.98 -12.38 -2.20
N ASP A 44 5.16 -13.40 -2.00
CA ASP A 44 4.99 -14.01 -0.68
C ASP A 44 5.88 -15.24 -0.41
N TYR A 45 7.01 -15.04 0.28
CA TYR A 45 7.92 -16.15 0.63
C TYR A 45 7.89 -16.36 2.14
N SER A 46 6.77 -16.02 2.78
CA SER A 46 6.65 -16.18 4.22
C SER A 46 6.90 -17.63 4.65
N ASP A 47 6.72 -18.56 3.71
CA ASP A 47 6.95 -19.97 4.01
C ASP A 47 8.35 -20.19 4.56
N LYS A 48 9.33 -19.44 4.04
CA LYS A 48 10.71 -19.57 4.51
C LYS A 48 11.41 -18.27 4.90
N TYR A 49 11.08 -17.16 4.25
CA TYR A 49 11.77 -15.90 4.55
C TYR A 49 10.90 -14.76 5.02
N GLY A 50 9.95 -14.37 4.16
CA GLY A 50 9.07 -13.27 4.47
C GLY A 50 8.41 -12.75 3.19
N LEU A 51 7.94 -11.51 3.23
CA LEU A 51 7.27 -10.93 2.08
C LEU A 51 8.07 -9.84 1.39
N GLY A 52 8.27 -9.97 0.09
CA GLY A 52 9.00 -8.96 -0.65
C GLY A 52 8.04 -8.07 -1.42
N TYR A 53 8.43 -6.82 -1.66
CA TYR A 53 7.57 -5.91 -2.41
C TYR A 53 8.40 -4.78 -3.01
N GLN A 54 7.81 -4.07 -3.96
CA GLN A 54 8.47 -2.93 -4.58
C GLN A 54 7.55 -1.74 -4.44
N LEU A 55 8.12 -0.58 -4.14
CA LEU A 55 7.33 0.64 -4.03
C LEU A 55 7.34 1.24 -5.42
N CYS A 56 6.39 2.13 -5.69
CA CYS A 56 6.29 2.75 -7.00
C CYS A 56 7.55 3.50 -7.48
N ASP A 57 8.44 3.87 -6.57
CA ASP A 57 9.67 4.58 -6.92
C ASP A 57 10.84 3.64 -7.22
N ASN A 58 10.53 2.36 -7.38
CA ASN A 58 11.52 1.33 -7.67
C ASN A 58 12.36 0.84 -6.47
N SER A 59 12.16 1.40 -5.30
CA SER A 59 12.90 0.90 -4.15
C SER A 59 12.24 -0.43 -3.78
N VAL A 60 12.95 -1.28 -3.05
CA VAL A 60 12.40 -2.57 -2.66
C VAL A 60 12.60 -2.79 -1.16
N GLY A 61 11.66 -3.49 -0.53
CA GLY A 61 11.76 -3.77 0.89
C GLY A 61 11.25 -5.15 1.19
N VAL A 62 11.56 -5.66 2.38
CA VAL A 62 11.10 -6.98 2.78
C VAL A 62 10.79 -7.05 4.26
N LEU A 63 9.72 -7.77 4.61
CA LEU A 63 9.34 -7.99 6.00
C LEU A 63 9.71 -9.45 6.23
N PHE A 64 10.74 -9.69 7.04
CA PHE A 64 11.19 -11.05 7.31
C PHE A 64 10.33 -11.73 8.36
N ASN A 65 10.43 -13.05 8.44
CA ASN A 65 9.64 -13.80 9.40
C ASN A 65 10.06 -13.55 10.85
N ASP A 66 11.22 -12.92 11.05
CA ASP A 66 11.68 -12.63 12.41
C ASP A 66 11.25 -11.23 12.84
N SER A 67 10.36 -10.64 12.05
CA SER A 67 9.84 -9.31 12.35
C SER A 67 10.78 -8.15 12.10
N THR A 68 11.87 -8.39 11.38
CA THR A 68 12.79 -7.29 11.06
C THR A 68 12.49 -6.97 9.61
N ARG A 69 12.84 -5.76 9.16
CA ARG A 69 12.63 -5.42 7.77
C ARG A 69 13.85 -4.76 7.17
N LEU A 70 14.00 -4.88 5.86
CA LEU A 70 15.13 -4.29 5.16
C LEU A 70 14.65 -3.61 3.88
N ILE A 71 15.14 -2.39 3.65
CA ILE A 71 14.79 -1.63 2.46
C ILE A 71 16.02 -1.25 1.65
N LEU A 72 15.91 -1.36 0.33
CA LEU A 72 16.99 -0.96 -0.56
C LEU A 72 16.47 0.21 -1.42
N TYR A 73 17.07 1.37 -1.25
CA TYR A 73 16.67 2.56 -2.01
C TYR A 73 16.94 2.38 -3.49
N ASN A 74 16.27 3.18 -4.30
CA ASN A 74 16.41 3.10 -5.75
C ASN A 74 17.80 3.46 -6.28
N ASP A 75 18.75 3.77 -5.40
CA ASP A 75 20.09 4.06 -5.87
C ASP A 75 20.81 2.72 -6.02
N GLY A 76 20.15 1.66 -5.56
CA GLY A 76 20.70 0.32 -5.64
C GLY A 76 21.73 0.01 -4.57
N ASP A 77 22.07 0.98 -3.72
CA ASP A 77 23.06 0.73 -2.67
C ASP A 77 22.72 1.21 -1.26
N SER A 78 21.87 2.21 -1.13
CA SER A 78 21.51 2.70 0.21
C SER A 78 20.48 1.79 0.90
N LEU A 79 20.65 1.59 2.20
CA LEU A 79 19.75 0.70 2.95
C LEU A 79 19.11 1.36 4.16
N GLN A 80 18.18 0.61 4.74
CA GLN A 80 17.48 1.01 5.95
C GLN A 80 17.03 -0.29 6.59
N TYR A 81 17.59 -0.58 7.75
CA TYR A 81 17.26 -1.80 8.48
C TYR A 81 16.45 -1.42 9.73
N ILE A 82 15.27 -2.03 9.89
CA ILE A 82 14.40 -1.77 11.05
C ILE A 82 14.25 -3.05 11.86
N GLU A 83 14.74 -3.06 13.09
CA GLU A 83 14.63 -4.23 13.95
C GLU A 83 13.17 -4.35 14.40
N ARG A 84 12.83 -5.45 15.08
CA ARG A 84 11.46 -5.61 15.55
C ARG A 84 10.98 -4.35 16.31
N ASP A 85 11.68 -4.04 17.40
CA ASP A 85 11.37 -2.88 18.26
C ASP A 85 11.27 -1.55 17.49
N GLY A 86 11.39 -1.59 16.16
CA GLY A 86 11.33 -0.37 15.37
C GLY A 86 12.62 0.44 15.25
N THR A 87 13.71 -0.08 15.80
CA THR A 87 15.01 0.59 15.78
C THR A 87 15.66 0.76 14.39
N GLU A 88 15.44 1.91 13.75
CA GLU A 88 16.01 2.18 12.43
C GLU A 88 17.52 2.31 12.42
N SER A 89 18.10 1.96 11.27
CA SER A 89 19.55 2.02 11.07
C SER A 89 19.79 2.32 9.59
N TYR A 90 20.68 3.26 9.29
CA TYR A 90 20.98 3.62 7.90
C TYR A 90 22.38 3.17 7.54
N LEU A 91 22.45 2.31 6.52
CA LEU A 91 23.72 1.74 6.08
C LEU A 91 23.82 1.73 4.56
N THR A 92 24.92 1.16 4.09
CA THR A 92 25.20 1.05 2.65
C THR A 92 25.64 -0.38 2.35
N VAL A 93 25.19 -0.94 1.23
CA VAL A 93 25.61 -2.29 0.88
C VAL A 93 27.12 -2.32 0.71
N SER A 94 27.63 -1.39 -0.11
CA SER A 94 29.05 -1.31 -0.37
C SER A 94 29.90 -1.18 0.90
N SER A 95 29.25 -0.93 2.04
CA SER A 95 29.97 -0.81 3.31
C SER A 95 30.20 -2.23 3.82
N HIS A 96 29.64 -3.20 3.09
CA HIS A 96 29.75 -4.63 3.40
C HIS A 96 29.57 -4.98 4.89
N PRO A 97 28.36 -4.77 5.44
CA PRO A 97 28.04 -5.07 6.84
C PRO A 97 27.79 -6.56 7.06
N ASN A 98 28.83 -7.28 7.50
CA ASN A 98 28.74 -8.72 7.74
C ASN A 98 27.44 -9.27 8.30
N SER A 99 26.98 -8.65 9.39
CA SER A 99 25.76 -9.05 10.08
C SER A 99 24.51 -9.08 9.21
N LEU A 100 24.55 -8.38 8.08
CA LEU A 100 23.39 -8.32 7.21
C LEU A 100 23.54 -8.93 5.82
N MET A 101 24.70 -9.50 5.52
CA MET A 101 24.91 -10.05 4.20
C MET A 101 23.84 -11.04 3.75
N LYS A 102 23.50 -11.98 4.61
CA LYS A 102 22.48 -12.95 4.23
C LYS A 102 21.12 -12.33 3.88
N LYS A 103 20.69 -11.34 4.64
CA LYS A 103 19.41 -10.67 4.39
C LYS A 103 19.48 -9.74 3.19
N ILE A 104 20.67 -9.24 2.89
CA ILE A 104 20.83 -8.39 1.73
C ILE A 104 20.68 -9.29 0.52
N THR A 105 21.36 -10.43 0.59
CA THR A 105 21.32 -11.40 -0.48
C THR A 105 19.87 -11.74 -0.76
N LEU A 106 19.11 -12.10 0.26
CA LEU A 106 17.69 -12.43 0.09
C LEU A 106 16.90 -11.27 -0.53
N LEU A 107 17.14 -10.05 -0.03
CA LEU A 107 16.45 -8.89 -0.57
C LEU A 107 16.69 -8.76 -2.08
N LYS A 108 17.93 -8.95 -2.52
CA LYS A 108 18.20 -8.84 -3.96
C LYS A 108 17.55 -9.98 -4.73
N TYR A 109 17.36 -11.14 -4.09
CA TYR A 109 16.73 -12.23 -4.79
C TYR A 109 15.26 -11.94 -5.04
N PHE A 110 14.63 -11.17 -4.15
CA PHE A 110 13.22 -10.81 -4.34
C PHE A 110 13.16 -9.79 -5.46
N ARG A 111 14.11 -8.87 -5.44
CA ARG A 111 14.20 -7.83 -6.45
C ARG A 111 14.29 -8.43 -7.85
N ASN A 112 15.13 -9.44 -7.99
CA ASN A 112 15.33 -10.10 -9.27
C ASN A 112 14.10 -10.87 -9.67
N TYR A 113 13.41 -11.42 -8.68
CA TYR A 113 12.22 -12.20 -8.97
C TYR A 113 11.08 -11.32 -9.47
N MET A 114 10.84 -10.20 -8.78
CA MET A 114 9.77 -9.29 -9.14
C MET A 114 10.07 -8.56 -10.44
N SER A 115 11.35 -8.30 -10.69
CA SER A 115 11.79 -7.59 -11.88
C SER A 115 11.59 -8.30 -13.20
N GLU A 116 11.51 -9.62 -13.18
CA GLU A 116 11.33 -10.30 -14.45
C GLU A 116 10.00 -11.01 -14.56
N HIS A 117 9.30 -11.18 -13.46
CA HIS A 117 8.03 -11.88 -13.53
C HIS A 117 6.79 -11.04 -13.32
N LEU A 118 6.94 -9.83 -12.75
CA LEU A 118 5.76 -9.04 -12.44
C LEU A 118 5.60 -7.65 -13.05
N LEU A 119 4.34 -7.27 -13.23
CA LEU A 119 3.94 -5.96 -13.76
C LEU A 119 4.03 -4.94 -12.62
N LYS A 120 4.19 -3.67 -12.95
CA LYS A 120 4.29 -2.61 -11.94
C LYS A 120 2.98 -1.85 -11.80
N ALA A 121 2.16 -2.21 -10.82
CA ALA A 121 0.88 -1.54 -10.60
C ALA A 121 0.96 -0.01 -10.58
N GLY A 122 0.07 0.62 -11.35
CA GLY A 122 0.02 2.07 -11.42
C GLY A 122 1.19 2.62 -12.19
N ALA A 123 1.64 1.87 -13.19
CA ALA A 123 2.78 2.29 -14.00
C ALA A 123 2.50 3.61 -14.74
N ASN A 124 1.24 3.84 -15.09
CA ASN A 124 0.85 5.05 -15.81
C ASN A 124 0.43 6.19 -14.88
N ILE A 125 1.06 6.29 -13.72
CA ILE A 125 0.71 7.34 -12.76
C ILE A 125 1.91 7.98 -12.09
N THR A 126 1.99 9.31 -12.19
CA THR A 126 3.08 10.04 -11.59
C THR A 126 2.68 10.42 -10.18
N PRO A 127 3.41 9.92 -9.17
CA PRO A 127 3.06 10.28 -7.78
C PRO A 127 3.48 11.70 -7.47
N ARG A 128 2.87 12.31 -6.45
CA ARG A 128 3.25 13.68 -6.10
C ARG A 128 4.60 13.63 -5.37
N GLU A 129 5.17 14.79 -5.06
CA GLU A 129 6.47 14.82 -4.39
C GLU A 129 6.40 14.91 -2.88
N GLY A 130 7.29 14.17 -2.21
CA GLY A 130 7.31 14.13 -0.76
C GLY A 130 7.83 15.39 -0.08
N ARG A 135 10.80 10.52 5.02
CA ARG A 135 11.67 9.40 4.54
C ARG A 135 10.86 8.24 4.01
N LEU A 136 11.55 7.31 3.34
CA LEU A 136 10.88 6.14 2.79
C LEU A 136 10.11 5.36 3.84
N PRO A 137 8.90 4.92 3.52
CA PRO A 137 8.14 4.15 4.50
C PRO A 137 8.48 2.67 4.35
N TYR A 138 8.06 1.87 5.33
CA TYR A 138 8.29 0.44 5.29
C TYR A 138 6.98 -0.26 5.62
N LEU A 139 6.89 -1.53 5.22
CA LEU A 139 5.70 -2.33 5.46
C LEU A 139 5.61 -2.68 6.94
N ARG A 140 4.57 -2.19 7.60
CA ARG A 140 4.38 -2.48 9.01
C ARG A 140 3.83 -3.89 9.22
N THR A 141 2.79 -4.24 8.46
CA THR A 141 2.21 -5.56 8.58
C THR A 141 1.42 -5.80 7.32
N TRP A 142 0.82 -6.98 7.22
CA TRP A 142 0.01 -7.32 6.05
C TRP A 142 -0.69 -8.64 6.30
N PHE A 143 -1.67 -8.93 5.46
CA PHE A 143 -2.39 -10.19 5.55
C PHE A 143 -3.28 -10.28 4.34
N ARG A 144 -3.74 -11.50 4.07
CA ARG A 144 -4.63 -11.71 2.96
C ARG A 144 -5.91 -12.37 3.44
N THR A 145 -6.96 -12.21 2.65
CA THR A 145 -8.26 -12.83 2.92
C THR A 145 -8.61 -13.58 1.66
N ARG A 146 -9.66 -14.39 1.70
CA ARG A 146 -10.04 -15.14 0.52
C ARG A 146 -10.23 -14.23 -0.69
N SER A 147 -10.42 -12.93 -0.45
CA SER A 147 -10.68 -11.97 -1.52
C SER A 147 -9.68 -10.84 -1.82
N ALA A 148 -8.67 -10.65 -0.97
CA ALA A 148 -7.70 -9.58 -1.21
C ALA A 148 -6.49 -9.63 -0.26
N ILE A 149 -5.50 -8.79 -0.57
CA ILE A 149 -4.31 -8.68 0.27
C ILE A 149 -4.32 -7.24 0.81
N ILE A 150 -4.06 -7.09 2.10
CA ILE A 150 -4.06 -5.78 2.72
C ILE A 150 -2.65 -5.46 3.17
N LEU A 151 -2.16 -4.27 2.80
CA LEU A 151 -0.82 -3.83 3.14
C LEU A 151 -0.84 -2.50 3.91
N HIS A 152 -0.23 -2.50 5.09
CA HIS A 152 -0.20 -1.32 5.96
C HIS A 152 1.20 -0.71 6.01
N LEU A 153 1.36 0.45 5.39
CA LEU A 153 2.65 1.15 5.38
C LEU A 153 2.90 2.00 6.61
N SER A 154 4.19 2.24 6.90
CA SER A 154 4.60 3.03 8.06
C SER A 154 4.27 4.52 7.96
N ASN A 155 3.85 4.97 6.79
CA ASN A 155 3.50 6.37 6.63
C ASN A 155 2.02 6.53 6.95
N GLY A 156 1.37 5.42 7.28
CA GLY A 156 -0.04 5.44 7.60
C GLY A 156 -0.96 4.98 6.49
N SER A 157 -0.45 4.84 5.28
CA SER A 157 -1.30 4.40 4.16
C SER A 157 -1.71 2.93 4.31
N VAL A 158 -2.88 2.61 3.76
CA VAL A 158 -3.36 1.24 3.77
C VAL A 158 -3.72 0.93 2.33
N GLN A 159 -3.19 -0.17 1.82
CA GLN A 159 -3.45 -0.56 0.46
C GLN A 159 -4.17 -1.88 0.43
N ILE A 160 -5.16 -1.98 -0.45
CA ILE A 160 -5.91 -3.20 -0.59
C ILE A 160 -5.95 -3.59 -2.05
N ASN A 161 -5.36 -4.73 -2.38
CA ASN A 161 -5.35 -5.24 -3.74
C ASN A 161 -6.34 -6.39 -3.85
N PHE A 162 -7.40 -6.19 -4.62
CA PHE A 162 -8.42 -7.21 -4.80
C PHE A 162 -7.99 -8.26 -5.82
N PHE A 163 -8.21 -9.52 -5.48
CA PHE A 163 -7.83 -10.64 -6.32
C PHE A 163 -8.68 -10.81 -7.58
N GLN A 164 -9.97 -11.06 -7.40
CA GLN A 164 -10.87 -11.25 -8.54
C GLN A 164 -10.68 -10.29 -9.73
N ASP A 165 -11.05 -9.02 -9.55
CA ASP A 165 -10.96 -8.05 -10.63
C ASP A 165 -9.72 -7.18 -10.77
N HIS A 166 -8.75 -7.33 -9.87
CA HIS A 166 -7.54 -6.53 -9.93
C HIS A 166 -7.78 -5.05 -9.68
N THR A 167 -8.84 -4.74 -8.94
CA THR A 167 -9.11 -3.35 -8.61
C THR A 167 -8.34 -3.06 -7.31
N LYS A 168 -7.83 -1.84 -7.17
CA LYS A 168 -7.05 -1.50 -5.99
C LYS A 168 -7.48 -0.23 -5.27
N LEU A 169 -7.23 -0.21 -3.97
CA LEU A 169 -7.54 0.94 -3.15
C LEU A 169 -6.28 1.35 -2.41
N ILE A 170 -6.07 2.65 -2.34
CA ILE A 170 -4.92 3.21 -1.64
C ILE A 170 -5.49 4.31 -0.77
N LEU A 171 -5.54 4.04 0.53
CA LEU A 171 -6.09 5.01 1.47
C LEU A 171 -5.01 5.71 2.26
N CYS A 172 -5.22 7.00 2.49
CA CYS A 172 -4.28 7.81 3.25
C CYS A 172 -5.07 8.69 4.20
N PRO A 173 -4.75 8.61 5.49
CA PRO A 173 -5.45 9.42 6.50
C PRO A 173 -4.85 10.80 6.75
N LEU A 174 -3.65 11.06 6.25
CA LEU A 174 -3.05 12.38 6.43
C LEU A 174 -3.75 13.33 5.45
N MET A 175 -3.92 12.85 4.23
CA MET A 175 -4.61 13.60 3.18
C MET A 175 -6.09 13.29 3.27
N ALA A 176 -6.43 12.29 4.08
CA ALA A 176 -7.82 11.86 4.25
C ALA A 176 -8.37 11.65 2.85
N ALA A 177 -7.70 10.81 2.07
CA ALA A 177 -8.12 10.53 0.72
C ALA A 177 -8.07 9.07 0.36
N VAL A 178 -8.48 8.78 -0.87
CA VAL A 178 -8.47 7.44 -1.40
C VAL A 178 -8.23 7.52 -2.92
N THR A 179 -7.43 6.60 -3.43
CA THR A 179 -7.14 6.53 -4.85
C THR A 179 -7.70 5.20 -5.31
N TYR A 180 -8.58 5.24 -6.29
CA TYR A 180 -9.18 4.01 -6.79
C TYR A 180 -8.71 3.61 -8.18
N ILE A 181 -8.15 2.41 -8.26
CA ILE A 181 -7.68 1.83 -9.51
C ILE A 181 -8.74 0.81 -9.94
N ASP A 182 -9.36 1.01 -11.10
CA ASP A 182 -10.39 0.09 -11.57
C ASP A 182 -9.84 -1.05 -12.44
N GLU A 183 -10.75 -1.86 -12.97
CA GLU A 183 -10.38 -3.00 -13.82
C GLU A 183 -9.85 -2.58 -15.19
N LYS A 184 -9.96 -1.29 -15.52
CA LYS A 184 -9.44 -0.78 -16.80
C LYS A 184 -8.09 -0.17 -16.48
N ARG A 185 -7.74 -0.22 -15.20
CA ARG A 185 -6.51 0.35 -14.68
C ARG A 185 -6.57 1.87 -14.75
N ASP A 186 -7.79 2.41 -14.83
CA ASP A 186 -7.95 3.87 -14.80
C ASP A 186 -7.51 4.22 -13.38
N PHE A 187 -7.01 5.43 -13.16
CA PHE A 187 -6.50 5.79 -11.84
C PHE A 187 -7.05 7.12 -11.35
N ARG A 188 -7.83 7.11 -10.27
CA ARG A 188 -8.40 8.35 -9.72
C ARG A 188 -8.33 8.51 -8.21
N THR A 189 -8.25 9.77 -7.78
CA THR A 189 -8.16 10.14 -6.36
C THR A 189 -9.31 11.03 -5.88
N TYR A 190 -9.98 10.64 -4.81
CA TYR A 190 -11.09 11.43 -4.28
C TYR A 190 -10.83 11.82 -2.83
N ARG A 191 -11.36 12.97 -2.42
CA ARG A 191 -11.18 13.40 -1.04
C ARG A 191 -12.40 12.86 -0.29
N LEU A 192 -12.17 11.99 0.70
CA LEU A 192 -13.25 11.38 1.45
C LEU A 192 -14.39 12.33 1.78
N SER A 193 -14.08 13.48 2.35
CA SER A 193 -15.13 14.44 2.69
C SER A 193 -16.06 14.75 1.51
N LEU A 194 -15.49 15.02 0.33
CA LEU A 194 -16.28 15.33 -0.85
C LEU A 194 -17.14 14.16 -1.34
N LEU A 195 -16.62 12.94 -1.27
CA LEU A 195 -17.36 11.77 -1.70
C LEU A 195 -18.59 11.63 -0.82
N GLU A 196 -18.59 12.39 0.26
CA GLU A 196 -19.68 12.36 1.22
C GLU A 196 -20.74 13.38 0.82
N GLU A 197 -20.34 14.39 0.05
CA GLU A 197 -21.24 15.43 -0.43
C GLU A 197 -21.79 15.06 -1.78
N TYR A 198 -20.87 14.90 -2.75
CA TYR A 198 -21.23 14.58 -4.12
C TYR A 198 -21.61 13.12 -4.37
N GLY A 199 -21.20 12.22 -3.48
CA GLY A 199 -21.51 10.81 -3.66
C GLY A 199 -20.55 10.07 -4.58
N CYS A 200 -20.83 8.80 -4.84
CA CYS A 200 -19.96 8.00 -5.71
C CYS A 200 -20.74 6.81 -6.20
N CYS A 201 -20.14 6.01 -7.07
CA CYS A 201 -20.84 4.85 -7.61
C CYS A 201 -20.99 3.67 -6.66
N LYS A 202 -21.69 2.65 -7.17
CA LYS A 202 -21.99 1.43 -6.44
C LYS A 202 -20.78 0.52 -6.18
N GLU A 203 -19.86 0.44 -7.13
CA GLU A 203 -18.71 -0.43 -6.94
C GLU A 203 -17.63 0.21 -6.09
N LEU A 204 -17.56 1.53 -6.08
CA LEU A 204 -16.57 2.20 -5.25
C LEU A 204 -17.04 2.21 -3.81
N ALA A 205 -18.35 2.33 -3.63
CA ALA A 205 -18.95 2.35 -2.30
C ALA A 205 -18.80 1.04 -1.52
N SER A 206 -18.96 -0.09 -2.19
CA SER A 206 -18.85 -1.40 -1.55
C SER A 206 -17.41 -1.72 -1.16
N ARG A 207 -16.47 -1.25 -1.98
CA ARG A 207 -15.04 -1.47 -1.75
C ARG A 207 -14.59 -0.71 -0.51
N LEU A 208 -15.08 0.52 -0.38
CA LEU A 208 -14.76 1.36 0.76
C LEU A 208 -15.40 0.71 1.99
N ARG A 209 -16.50 -0.01 1.76
CA ARG A 209 -17.19 -0.66 2.85
C ARG A 209 -16.35 -1.84 3.34
N TYR A 210 -15.71 -2.50 2.38
CA TYR A 210 -14.85 -3.64 2.69
C TYR A 210 -13.58 -3.16 3.37
N ALA A 211 -13.18 -1.93 3.05
CA ALA A 211 -11.98 -1.34 3.63
C ALA A 211 -12.15 -1.06 5.12
N ARG A 212 -13.35 -0.67 5.52
CA ARG A 212 -13.60 -0.40 6.93
C ARG A 212 -13.49 -1.72 7.68
N THR A 213 -13.95 -2.80 7.05
CA THR A 213 -13.87 -4.11 7.67
C THR A 213 -12.42 -4.56 7.80
N MET A 214 -11.58 -4.09 6.88
CA MET A 214 -10.16 -4.43 6.92
C MET A 214 -9.43 -3.57 7.94
N VAL A 215 -9.81 -2.31 8.05
CA VAL A 215 -9.20 -1.42 9.03
C VAL A 215 -9.57 -1.95 10.41
N ASP A 216 -10.81 -2.41 10.59
CA ASP A 216 -11.22 -2.96 11.88
C ASP A 216 -10.24 -4.09 12.26
N LYS A 217 -9.98 -5.00 11.31
CA LYS A 217 -9.04 -6.09 11.55
C LYS A 217 -7.65 -5.59 11.93
N LEU A 218 -7.18 -4.57 11.24
CA LEU A 218 -5.87 -3.97 11.49
C LEU A 218 -5.79 -3.36 12.90
N LEU A 219 -6.91 -2.88 13.41
CA LEU A 219 -6.92 -2.29 14.74
C LEU A 219 -7.01 -3.35 15.83
N SER A 220 -7.71 -4.45 15.55
CA SER A 220 -7.87 -5.51 16.55
C SER A 220 -6.64 -6.39 16.70
N SER A 221 -5.59 -6.09 15.93
CA SER A 221 -4.36 -6.87 16.00
C SER A 221 -3.32 -6.21 16.89
N PRO B 1 6.15 -18.91 -5.81
CA PRO B 1 5.20 -18.79 -4.68
C PRO B 1 4.14 -17.77 -5.04
N PRO B 2 3.12 -17.59 -4.20
CA PRO B 2 2.07 -16.61 -4.50
C PRO B 2 2.75 -15.27 -4.72
N HIS B 3 2.21 -14.46 -5.63
CA HIS B 3 2.79 -13.17 -5.95
C HIS B 3 1.72 -12.28 -6.59
N SER B 4 2.06 -11.02 -6.82
CA SER B 4 1.11 -10.10 -7.44
C SER B 4 1.08 -10.34 -8.95
#